data_6L4P
#
_entry.id   6L4P
#
_cell.length_a   44.550
_cell.length_b   73.028
_cell.length_c   94.564
_cell.angle_alpha   90.000
_cell.angle_beta   90.000
_cell.angle_gamma   90.000
#
_symmetry.space_group_name_H-M   'P 21 21 21'
#
loop_
_entity.id
_entity.type
_entity.pdbx_description
1 polymer 'Dynein light chain 1, axonemal'
2 polymer 'Flagellar outer dynein arm heavy chain gamma'
3 non-polymer 'PHOSPHATE ION'
4 non-polymer 2-AMINO-2-HYDROXYMETHYL-PROPANE-1,3-DIOL
5 non-polymer 'SODIUM ION'
6 water water
#
loop_
_entity_poly.entity_id
_entity_poly.type
_entity_poly.pdbx_seq_one_letter_code
_entity_poly.pdbx_strand_id
1 'polypeptide(L)'
;GMAKATTIKDAIRIFEERKSVVATEAEKVELHGMIPPIEKMDATLSTLKACKHLALSTNNIEKISSLSGMENLRILSLGR
NLIKKIENLDAVADTLEELWISYNQIASLSGIEKLVNLRVLYMSNNKITNWGEIDKLAALDKLEDLLLAGNPLYNDYKEN
NATSEYRIEVVKRLPNLKKLDGMPVDVDEREQANVARGG
;
A
2 'polypeptide(L)'
;GDLAAAKPALDAALEALNSIKDGDIKNLKALKKPPQIITRIFDCVLVLRMLPVTKAEYTDEKGRMVQVGNYPEAQKMMNQ
MSFLQDLKDFAKEQINDETVELLEPYFMSEDFTFENAQKASGNVAGLCNWAESMAKYHNVAKVVE
;
B
#
# COMPACT_ATOMS: atom_id res chain seq x y z
N ALA A 3 -2.71 6.04 -25.14
CA ALA A 3 -3.14 5.00 -24.21
C ALA A 3 -1.98 4.09 -23.84
N LYS A 4 -0.75 4.60 -23.97
CA LYS A 4 0.43 3.88 -23.50
C LYS A 4 0.90 4.42 -22.15
N ALA A 5 1.20 5.72 -22.07
CA ALA A 5 1.68 6.28 -20.82
C ALA A 5 1.16 7.70 -20.64
N THR A 6 0.98 8.09 -19.39
CA THR A 6 0.55 9.43 -19.05
C THR A 6 1.77 10.22 -18.60
N THR A 7 1.96 11.42 -19.16
CA THR A 7 3.07 12.26 -18.74
C THR A 7 2.74 12.96 -17.42
N ILE A 8 3.78 13.48 -16.76
CA ILE A 8 3.55 14.25 -15.54
C ILE A 8 2.63 15.43 -15.84
N LYS A 9 2.88 16.15 -16.95
CA LYS A 9 2.04 17.29 -17.33
C LYS A 9 0.58 16.88 -17.46
N ASP A 10 0.32 15.76 -18.13
CA ASP A 10 -1.06 15.32 -18.33
C ASP A 10 -1.69 14.88 -17.02
N ALA A 11 -0.91 14.22 -16.16
CA ALA A 11 -1.43 13.78 -14.87
C ALA A 11 -1.81 14.99 -14.01
N ILE A 12 -1.02 16.06 -14.08
CA ILE A 12 -1.34 17.27 -13.32
C ILE A 12 -2.66 17.87 -13.81
N ARG A 13 -2.92 17.82 -15.12
CA ARG A 13 -4.18 18.38 -15.60
C ARG A 13 -5.36 17.56 -15.09
N ILE A 14 -5.22 16.24 -15.05
CA ILE A 14 -6.27 15.38 -14.50
C ILE A 14 -6.49 15.69 -13.02
N PHE A 15 -5.40 15.82 -12.27
CA PHE A 15 -5.50 16.19 -10.86
C PHE A 15 -6.23 17.52 -10.67
N GLU A 16 -5.89 18.52 -11.48
CA GLU A 16 -6.48 19.85 -11.29
C GLU A 16 -7.97 19.83 -11.62
N GLU A 17 -8.39 18.98 -12.57
CA GLU A 17 -9.80 18.86 -12.88
C GLU A 17 -10.57 18.13 -11.77
N ARG A 18 -9.91 17.20 -11.07
CA ARG A 18 -10.59 16.45 -10.03
C ARG A 18 -10.63 17.21 -8.70
N LYS A 19 -9.69 18.13 -8.47
CA LYS A 19 -9.55 18.80 -7.19
C LYS A 19 -9.71 20.32 -7.24
N SER A 20 -9.61 20.93 -8.42
CA SER A 20 -9.82 22.38 -8.59
C SER A 20 -8.81 23.18 -7.76
N VAL A 21 -7.55 22.74 -7.79
CA VAL A 21 -6.46 23.50 -7.21
C VAL A 21 -5.35 23.55 -8.26
N VAL A 22 -4.65 24.69 -8.33
CA VAL A 22 -3.48 24.78 -9.18
C VAL A 22 -2.37 23.95 -8.58
N ALA A 23 -1.78 23.06 -9.38
CA ALA A 23 -0.84 22.11 -8.80
C ALA A 23 0.38 22.82 -8.23
N THR A 24 0.73 23.99 -8.76
CA THR A 24 1.87 24.72 -8.20
C THR A 24 1.60 25.23 -6.80
N GLU A 25 0.33 25.39 -6.42
CA GLU A 25 -0.08 25.85 -5.10
C GLU A 25 -0.38 24.72 -4.13
N ALA A 26 -0.53 23.49 -4.61
CA ALA A 26 -1.16 22.44 -3.82
C ALA A 26 -0.16 21.78 -2.89
N GLU A 27 -0.60 21.51 -1.67
CA GLU A 27 0.27 20.82 -0.70
C GLU A 27 0.24 19.31 -0.89
N LYS A 28 -0.85 18.76 -1.41
CA LYS A 28 -0.94 17.33 -1.72
C LYS A 28 -1.26 17.22 -3.20
N VAL A 29 -0.30 16.78 -3.99
CA VAL A 29 -0.48 16.61 -5.42
C VAL A 29 -0.75 15.14 -5.68
N GLU A 30 -1.95 14.86 -6.16
CA GLU A 30 -2.45 13.49 -6.33
C GLU A 30 -2.29 13.11 -7.80
N LEU A 31 -1.20 12.42 -8.10
CA LEU A 31 -0.95 11.87 -9.43
C LEU A 31 -1.04 10.35 -9.43
N HIS A 32 -1.75 9.76 -8.48
CA HIS A 32 -1.76 8.31 -8.35
C HIS A 32 -2.84 7.66 -9.21
N GLY A 33 -2.56 6.46 -9.67
CA GLY A 33 -3.55 5.70 -10.41
C GLY A 33 -3.93 6.27 -11.76
N MET A 34 -2.97 6.81 -12.51
CA MET A 34 -3.31 7.36 -13.81
C MET A 34 -3.62 6.24 -14.80
N ILE A 35 -4.54 6.51 -15.72
CA ILE A 35 -4.90 5.56 -16.78
C ILE A 35 -4.69 6.24 -18.14
N PRO A 36 -3.67 5.84 -18.91
CA PRO A 36 -2.68 4.80 -18.64
C PRO A 36 -1.67 5.23 -17.55
N PRO A 37 -0.89 4.28 -17.02
CA PRO A 37 0.02 4.60 -15.92
C PRO A 37 1.08 5.61 -16.34
N ILE A 38 1.51 6.41 -15.37
CA ILE A 38 2.73 7.18 -15.54
C ILE A 38 3.90 6.23 -15.61
N GLU A 39 4.79 6.44 -16.58
CA GLU A 39 6.01 5.65 -16.68
C GLU A 39 7.28 6.42 -16.36
N LYS A 40 7.27 7.74 -16.48
CA LYS A 40 8.49 8.52 -16.30
C LYS A 40 8.22 9.75 -15.46
N MET A 41 9.01 9.94 -14.42
CA MET A 41 9.05 11.21 -13.74
C MET A 41 9.87 12.19 -14.59
N ASP A 42 9.50 13.46 -14.58
CA ASP A 42 10.23 14.41 -15.42
C ASP A 42 10.23 15.78 -14.77
N ALA A 43 10.87 16.73 -15.45
CA ALA A 43 11.12 18.05 -14.87
C ALA A 43 9.87 18.87 -14.63
N THR A 44 8.71 18.45 -15.13
CA THR A 44 7.47 19.14 -14.75
C THR A 44 7.28 19.11 -13.23
N LEU A 45 7.78 18.06 -12.55
CA LEU A 45 7.65 18.01 -11.10
C LEU A 45 8.30 19.22 -10.41
N SER A 46 9.23 19.90 -11.07
CA SER A 46 9.90 21.04 -10.45
C SER A 46 8.96 22.21 -10.21
N THR A 47 7.83 22.27 -10.91
CA THR A 47 6.89 23.35 -10.67
C THR A 47 6.11 23.17 -9.38
N LEU A 48 6.21 22.01 -8.73
CA LEU A 48 5.36 21.69 -7.58
C LEU A 48 6.04 22.17 -6.30
N LYS A 49 6.17 23.49 -6.21
CA LYS A 49 7.00 24.08 -5.17
C LYS A 49 6.34 24.03 -3.80
N ALA A 50 5.01 24.01 -3.75
CA ALA A 50 4.31 23.96 -2.48
C ALA A 50 4.07 22.56 -1.95
N CYS A 51 4.38 21.53 -2.75
CA CYS A 51 3.95 20.17 -2.47
C CYS A 51 4.66 19.62 -1.23
N LYS A 52 3.87 19.20 -0.23
CA LYS A 52 4.41 18.45 0.90
C LYS A 52 4.18 16.96 0.78
N HIS A 53 3.19 16.53 0.00
CA HIS A 53 2.89 15.11 -0.16
C HIS A 53 2.69 14.85 -1.64
N LEU A 54 3.64 14.17 -2.27
CA LEU A 54 3.58 13.83 -3.69
C LEU A 54 3.08 12.39 -3.82
N ALA A 55 1.89 12.23 -4.37
CA ALA A 55 1.30 10.90 -4.56
C ALA A 55 1.52 10.46 -6.00
N LEU A 56 2.45 9.52 -6.19
CA LEU A 56 2.72 8.92 -7.49
C LEU A 56 2.51 7.41 -7.47
N SER A 57 1.81 6.90 -6.46
CA SER A 57 1.60 5.47 -6.33
C SER A 57 0.66 4.94 -7.42
N THR A 58 0.67 3.62 -7.58
CA THR A 58 -0.14 2.93 -8.57
C THR A 58 0.07 3.51 -9.97
N ASN A 59 1.30 3.37 -10.44
CA ASN A 59 1.67 3.74 -11.81
C ASN A 59 2.64 2.67 -12.31
N ASN A 60 3.41 2.97 -13.36
CA ASN A 60 4.44 2.06 -13.84
C ASN A 60 5.80 2.75 -13.90
N ILE A 61 6.12 3.56 -12.88
CA ILE A 61 7.42 4.25 -12.88
C ILE A 61 8.53 3.24 -12.63
N GLU A 62 9.61 3.36 -13.42
CA GLU A 62 10.71 2.43 -13.30
C GLU A 62 11.92 3.00 -12.57
N LYS A 63 12.10 4.32 -12.62
CA LYS A 63 13.25 4.96 -12.00
C LYS A 63 12.80 6.20 -11.25
N ILE A 64 13.39 6.42 -10.08
CA ILE A 64 13.22 7.67 -9.37
C ILE A 64 14.09 8.74 -10.06
N SER A 65 13.49 9.88 -10.37
CA SER A 65 14.23 10.96 -10.99
C SER A 65 13.42 12.24 -10.87
N SER A 66 14.07 13.36 -11.17
CA SER A 66 13.40 14.64 -11.42
C SER A 66 12.71 15.21 -10.18
N LEU A 67 13.24 14.99 -8.99
CA LEU A 67 12.63 15.60 -7.82
C LEU A 67 13.19 17.01 -7.52
N SER A 68 14.17 17.48 -8.29
CA SER A 68 14.70 18.82 -8.10
C SER A 68 13.61 19.88 -8.16
N GLY A 69 13.62 20.80 -7.20
CA GLY A 69 12.68 21.90 -7.17
C GLY A 69 11.51 21.70 -6.23
N MET A 70 11.33 20.48 -5.71
CA MET A 70 10.26 20.23 -4.73
C MET A 70 10.80 20.57 -3.34
N GLU A 71 10.84 21.88 -3.06
CA GLU A 71 11.51 22.42 -1.88
C GLU A 71 10.79 22.08 -0.57
N ASN A 72 9.53 21.69 -0.62
CA ASN A 72 8.76 21.42 0.59
C ASN A 72 8.40 19.96 0.78
N LEU A 73 8.98 19.06 -0.01
CA LEU A 73 8.47 17.70 -0.06
C LEU A 73 8.80 16.96 1.24
N ARG A 74 7.76 16.47 1.90
CA ARG A 74 7.88 15.77 3.17
C ARG A 74 7.49 14.31 3.06
N ILE A 75 6.49 13.98 2.25
CA ILE A 75 6.05 12.61 2.04
C ILE A 75 6.14 12.31 0.55
N LEU A 76 6.94 11.31 0.18
CA LEU A 76 7.08 10.86 -1.20
C LEU A 76 6.44 9.48 -1.30
N SER A 77 5.33 9.39 -2.03
CA SER A 77 4.56 8.15 -2.13
C SER A 77 4.72 7.57 -3.54
N LEU A 78 5.39 6.42 -3.62
CA LEU A 78 5.71 5.78 -4.89
C LEU A 78 5.32 4.30 -4.88
N GLY A 79 4.44 3.90 -3.97
CA GLY A 79 4.06 2.51 -3.88
C GLY A 79 3.39 2.00 -5.15
N ARG A 80 3.50 0.69 -5.38
CA ARG A 80 2.95 0.02 -6.55
C ARG A 80 3.42 0.66 -7.85
N ASN A 81 4.74 0.69 -8.01
CA ASN A 81 5.38 1.07 -9.26
C ASN A 81 6.34 -0.05 -9.63
N LEU A 82 7.32 0.23 -10.48
CA LEU A 82 8.27 -0.76 -10.96
C LEU A 82 9.70 -0.39 -10.58
N ILE A 83 9.87 0.22 -9.41
CA ILE A 83 11.16 0.79 -9.04
C ILE A 83 12.06 -0.29 -8.47
N LYS A 84 13.33 -0.29 -8.89
CA LYS A 84 14.31 -1.26 -8.42
C LYS A 84 15.36 -0.69 -7.50
N LYS A 85 15.66 0.59 -7.61
CA LYS A 85 16.81 1.18 -6.94
C LYS A 85 16.40 2.46 -6.22
N ILE A 86 16.89 2.63 -4.99
CA ILE A 86 16.74 3.88 -4.25
C ILE A 86 17.88 4.81 -4.67
N GLU A 87 17.55 5.94 -5.27
CA GLU A 87 18.55 6.82 -5.87
C GLU A 87 17.88 8.12 -6.23
N ASN A 88 18.70 9.12 -6.55
CA ASN A 88 18.24 10.41 -7.06
C ASN A 88 17.33 11.11 -6.07
N LEU A 89 17.65 11.03 -4.78
CA LEU A 89 16.83 11.62 -3.74
C LEU A 89 17.55 12.75 -3.01
N ASP A 90 18.78 13.07 -3.41
CA ASP A 90 19.51 14.16 -2.76
C ASP A 90 18.73 15.46 -2.79
N ALA A 91 17.96 15.72 -3.85
CA ALA A 91 17.24 16.99 -3.95
C ALA A 91 16.20 17.18 -2.87
N VAL A 92 15.66 16.12 -2.27
CA VAL A 92 14.65 16.26 -1.24
C VAL A 92 15.14 15.78 0.12
N ALA A 93 16.42 15.41 0.24
CA ALA A 93 16.91 14.80 1.47
C ALA A 93 16.80 15.74 2.66
N ASP A 94 16.85 17.04 2.42
CA ASP A 94 16.79 18.01 3.52
C ASP A 94 15.40 18.03 4.18
N THR A 95 14.35 17.67 3.44
CA THR A 95 13.00 17.80 3.95
C THR A 95 12.24 16.49 4.04
N LEU A 96 12.67 15.44 3.35
CA LEU A 96 11.83 14.25 3.25
C LEU A 96 11.77 13.53 4.60
N GLU A 97 10.55 13.33 5.09
CA GLU A 97 10.33 12.65 6.37
C GLU A 97 9.71 11.27 6.22
N GLU A 98 8.99 11.01 5.12
CA GLU A 98 8.37 9.71 4.91
C GLU A 98 8.58 9.28 3.46
N LEU A 99 8.96 8.02 3.27
CA LEU A 99 9.04 7.39 1.96
C LEU A 99 8.10 6.20 1.95
N TRP A 100 7.09 6.26 1.10
CA TRP A 100 6.12 5.18 0.98
C TRP A 100 6.41 4.52 -0.36
N ILE A 101 6.88 3.27 -0.33
CA ILE A 101 7.32 2.66 -1.58
C ILE A 101 7.04 1.15 -1.57
N SER A 102 5.92 0.75 -0.94
CA SER A 102 5.55 -0.66 -0.95
C SER A 102 5.19 -1.10 -2.36
N TYR A 103 5.21 -2.43 -2.58
CA TYR A 103 4.83 -3.02 -3.87
C TYR A 103 5.69 -2.49 -5.02
N ASN A 104 7.01 -2.47 -4.80
CA ASN A 104 7.94 -2.20 -5.90
C ASN A 104 8.89 -3.37 -6.02
N GLN A 105 10.04 -3.18 -6.67
CA GLN A 105 10.95 -4.28 -6.97
C GLN A 105 12.32 -4.01 -6.37
N ILE A 106 12.33 -3.42 -5.17
CA ILE A 106 13.57 -3.01 -4.52
C ILE A 106 14.17 -4.21 -3.79
N ALA A 107 15.38 -4.59 -4.16
CA ALA A 107 16.11 -5.62 -3.43
C ALA A 107 17.28 -5.07 -2.63
N SER A 108 17.80 -3.90 -2.98
CA SER A 108 18.92 -3.30 -2.26
C SER A 108 18.47 -1.97 -1.68
N LEU A 109 18.84 -1.73 -0.43
CA LEU A 109 18.59 -0.44 0.20
C LEU A 109 19.77 0.51 0.07
N SER A 110 20.78 0.17 -0.74
CA SER A 110 21.87 1.11 -0.99
C SER A 110 21.31 2.43 -1.52
N GLY A 111 21.73 3.53 -0.91
CA GLY A 111 21.22 4.84 -1.25
C GLY A 111 20.21 5.40 -0.26
N ILE A 112 19.59 4.54 0.56
CA ILE A 112 18.65 5.03 1.56
C ILE A 112 19.34 5.95 2.57
N GLU A 113 20.67 5.82 2.73
CA GLU A 113 21.37 6.55 3.76
C GLU A 113 21.30 8.06 3.55
N LYS A 114 21.03 8.50 2.32
CA LYS A 114 20.97 9.93 2.06
C LYS A 114 19.77 10.60 2.72
N LEU A 115 18.69 9.87 3.00
CA LEU A 115 17.48 10.47 3.56
C LEU A 115 17.66 10.63 5.08
N VAL A 116 18.51 11.61 5.43
CA VAL A 116 18.96 11.72 6.82
C VAL A 116 17.84 12.08 7.78
N ASN A 117 16.74 12.63 7.27
CA ASN A 117 15.64 13.05 8.14
C ASN A 117 14.47 12.08 8.10
N LEU A 118 14.68 10.91 7.49
CA LEU A 118 13.57 9.98 7.32
C LEU A 118 13.05 9.49 8.66
N ARG A 119 11.74 9.57 8.86
CA ARG A 119 11.07 9.08 10.05
C ARG A 119 10.24 7.84 9.79
N VAL A 120 9.72 7.69 8.57
CA VAL A 120 8.80 6.63 8.22
C VAL A 120 9.27 6.01 6.90
N LEU A 121 9.37 4.68 6.86
CA LEU A 121 9.73 3.95 5.63
C LEU A 121 8.77 2.77 5.46
N TYR A 122 7.89 2.86 4.49
CA TYR A 122 6.94 1.78 4.21
C TYR A 122 7.40 1.08 2.94
N MET A 123 7.79 -0.19 3.05
CA MET A 123 8.27 -0.89 1.86
C MET A 123 7.83 -2.35 1.91
N SER A 124 6.55 -2.56 2.17
CA SER A 124 6.00 -3.89 2.10
C SER A 124 6.16 -4.45 0.68
N ASN A 125 6.17 -5.77 0.58
CA ASN A 125 6.07 -6.44 -0.73
C ASN A 125 7.09 -5.93 -1.73
N ASN A 126 8.32 -5.75 -1.25
CA ASN A 126 9.43 -5.52 -2.17
C ASN A 126 10.25 -6.81 -2.26
N LYS A 127 11.53 -6.70 -2.59
CA LYS A 127 12.36 -7.87 -2.87
C LYS A 127 13.54 -7.99 -1.91
N ILE A 128 13.39 -7.54 -0.67
CA ILE A 128 14.48 -7.64 0.30
CA ILE A 128 14.47 -7.64 0.30
C ILE A 128 14.58 -9.09 0.78
N THR A 129 15.77 -9.68 0.62
CA THR A 129 15.99 -11.08 0.99
C THR A 129 16.98 -11.29 2.13
N ASN A 130 17.69 -10.26 2.60
CA ASN A 130 18.75 -10.53 3.56
C ASN A 130 18.88 -9.40 4.57
N TRP A 131 19.42 -9.75 5.75
CA TRP A 131 19.60 -8.79 6.83
C TRP A 131 20.62 -7.70 6.51
N GLY A 132 21.52 -7.93 5.57
CA GLY A 132 22.47 -6.89 5.22
C GLY A 132 21.80 -5.64 4.71
N GLU A 133 20.62 -5.77 4.11
CA GLU A 133 19.91 -4.57 3.65
C GLU A 133 19.37 -3.77 4.82
N ILE A 134 18.90 -4.45 5.87
CA ILE A 134 18.34 -3.77 7.03
C ILE A 134 19.44 -3.05 7.80
N ASP A 135 20.66 -3.58 7.78
CA ASP A 135 21.78 -2.89 8.41
C ASP A 135 21.97 -1.50 7.81
N LYS A 136 21.67 -1.33 6.52
CA LYS A 136 21.82 -0.03 5.89
C LYS A 136 20.89 1.03 6.47
N LEU A 137 19.79 0.61 7.10
CA LEU A 137 18.88 1.54 7.75
C LEU A 137 19.40 2.07 9.08
N ALA A 138 20.46 1.48 9.65
CA ALA A 138 20.91 1.93 10.96
C ALA A 138 21.46 3.34 10.93
N ALA A 139 21.86 3.82 9.75
CA ALA A 139 22.38 5.17 9.58
C ALA A 139 21.32 6.24 9.77
N LEU A 140 20.04 5.88 9.71
CA LEU A 140 18.94 6.85 9.76
C LEU A 140 18.59 7.13 11.22
N ASP A 141 19.09 8.26 11.74
CA ASP A 141 18.97 8.53 13.18
C ASP A 141 17.56 8.86 13.62
N LYS A 142 16.67 9.22 12.69
CA LYS A 142 15.31 9.63 13.03
C LYS A 142 14.27 8.58 12.64
N LEU A 143 14.68 7.45 12.10
CA LEU A 143 13.72 6.45 11.63
C LEU A 143 12.97 5.82 12.80
N GLU A 144 11.65 5.97 12.80
CA GLU A 144 10.83 5.44 13.88
CA GLU A 144 10.79 5.48 13.87
C GLU A 144 9.83 4.38 13.44
N ASP A 145 9.39 4.38 12.18
CA ASP A 145 8.30 3.53 11.72
C ASP A 145 8.75 2.83 10.45
N LEU A 146 8.73 1.49 10.46
CA LEU A 146 9.23 0.68 9.37
C LEU A 146 8.25 -0.43 9.04
N LEU A 147 8.05 -0.69 7.74
CA LEU A 147 7.16 -1.76 7.27
C LEU A 147 7.90 -2.62 6.26
N LEU A 148 8.08 -3.91 6.59
CA LEU A 148 8.77 -4.88 5.74
C LEU A 148 7.90 -6.07 5.36
N ALA A 149 6.66 -6.14 5.86
CA ALA A 149 5.78 -7.26 5.57
C ALA A 149 5.74 -7.56 4.07
N GLY A 150 5.81 -8.85 3.72
CA GLY A 150 5.69 -9.26 2.34
C GLY A 150 6.98 -9.36 1.56
N ASN A 151 8.09 -8.85 2.11
CA ASN A 151 9.38 -9.09 1.49
C ASN A 151 9.78 -10.54 1.75
N PRO A 152 10.57 -11.14 0.85
CA PRO A 152 11.01 -12.52 1.08
C PRO A 152 11.61 -12.73 2.47
N LEU A 153 12.43 -11.79 2.93
CA LEU A 153 13.05 -11.93 4.26
C LEU A 153 12.01 -12.05 5.35
N TYR A 154 10.96 -11.22 5.29
CA TYR A 154 9.85 -11.33 6.24
C TYR A 154 9.11 -12.66 6.07
N ASN A 155 8.85 -13.06 4.83
CA ASN A 155 8.07 -14.27 4.58
C ASN A 155 8.80 -15.50 5.09
N ASP A 156 10.13 -15.53 4.95
CA ASP A 156 10.94 -16.62 5.52
C ASP A 156 10.57 -16.86 6.97
N TYR A 157 10.49 -15.79 7.76
CA TYR A 157 10.19 -15.98 9.17
C TYR A 157 8.71 -16.25 9.40
N LYS A 158 7.83 -15.59 8.62
CA LYS A 158 6.40 -15.82 8.80
C LYS A 158 6.01 -17.26 8.51
N GLU A 159 6.58 -17.84 7.44
CA GLU A 159 6.19 -19.20 7.08
C GLU A 159 6.74 -20.24 8.04
N ASN A 160 7.73 -19.89 8.86
CA ASN A 160 8.25 -20.80 9.88
C ASN A 160 7.75 -20.45 11.27
N ASN A 161 6.63 -19.72 11.36
CA ASN A 161 6.03 -19.31 12.63
C ASN A 161 7.06 -18.64 13.55
N ALA A 162 7.95 -17.84 12.96
CA ALA A 162 9.04 -17.22 13.70
C ALA A 162 9.06 -15.71 13.56
N THR A 163 7.89 -15.07 13.48
CA THR A 163 7.88 -13.63 13.30
C THR A 163 8.50 -12.91 14.50
N SER A 164 8.35 -13.47 15.71
CA SER A 164 8.98 -12.88 16.88
CA SER A 164 8.98 -12.88 16.88
C SER A 164 10.50 -12.83 16.74
N GLU A 165 11.10 -13.89 16.19
CA GLU A 165 12.54 -13.88 15.94
C GLU A 165 12.90 -12.81 14.91
N TYR A 166 12.05 -12.63 13.90
CA TYR A 166 12.32 -11.60 12.90
C TYR A 166 12.28 -10.20 13.50
N ARG A 167 11.33 -9.93 14.39
CA ARG A 167 11.27 -8.59 14.99
C ARG A 167 12.49 -8.31 15.83
N ILE A 168 13.01 -9.32 16.54
CA ILE A 168 14.24 -9.16 17.31
C ILE A 168 15.42 -8.87 16.39
N GLU A 169 15.49 -9.55 15.24
CA GLU A 169 16.57 -9.25 14.30
C GLU A 169 16.50 -7.81 13.81
N VAL A 170 15.29 -7.28 13.62
CA VAL A 170 15.19 -5.88 13.18
C VAL A 170 15.67 -4.95 14.28
N VAL A 171 15.15 -5.12 15.49
CA VAL A 171 15.45 -4.17 16.56
C VAL A 171 16.89 -4.31 17.02
N LYS A 172 17.49 -5.48 16.82
CA LYS A 172 18.93 -5.63 17.05
C LYS A 172 19.72 -4.64 16.19
N ARG A 173 19.29 -4.43 14.96
CA ARG A 173 19.97 -3.51 14.06
C ARG A 173 19.48 -2.07 14.19
N LEU A 174 18.25 -1.87 14.66
CA LEU A 174 17.58 -0.57 14.74
C LEU A 174 17.07 -0.36 16.16
N PRO A 175 17.97 -0.09 17.11
CA PRO A 175 17.58 -0.13 18.54
C PRO A 175 16.54 0.89 18.92
N ASN A 176 16.43 1.99 18.18
CA ASN A 176 15.51 3.06 18.53
C ASN A 176 14.22 3.03 17.73
N LEU A 177 13.97 1.98 16.95
CA LEU A 177 12.74 1.89 16.20
C LEU A 177 11.53 1.84 17.11
N LYS A 178 10.47 2.57 16.75
CA LYS A 178 9.28 2.65 17.59
C LYS A 178 8.13 1.78 17.11
N LYS A 179 8.01 1.54 15.81
CA LYS A 179 6.90 0.76 15.27
C LYS A 179 7.40 -0.06 14.09
N LEU A 180 7.00 -1.33 14.03
CA LEU A 180 7.47 -2.27 13.03
C LEU A 180 6.27 -3.04 12.49
N ASP A 181 6.03 -2.92 11.20
CA ASP A 181 4.90 -3.60 10.55
C ASP A 181 3.59 -3.26 11.26
N GLY A 182 3.47 -2.00 11.70
CA GLY A 182 2.23 -1.52 12.26
C GLY A 182 2.05 -1.82 13.73
N MET A 183 3.00 -2.52 14.35
CA MET A 183 2.91 -2.86 15.75
CA MET A 183 2.90 -2.85 15.76
C MET A 183 4.04 -2.21 16.52
N PRO A 184 3.76 -1.53 17.64
CA PRO A 184 4.83 -0.89 18.42
C PRO A 184 5.88 -1.88 18.86
N VAL A 185 7.14 -1.43 18.88
CA VAL A 185 8.22 -2.21 19.44
C VAL A 185 8.11 -2.07 20.96
N ASP A 186 7.85 -3.19 21.64
CA ASP A 186 7.62 -3.13 23.08
C ASP A 186 8.93 -3.31 23.85
N VAL A 187 8.87 -3.00 25.15
CA VAL A 187 10.08 -2.98 25.97
C VAL A 187 10.72 -4.35 26.07
N ASP A 188 9.93 -5.42 26.00
CA ASP A 188 10.52 -6.76 26.07
C ASP A 188 11.25 -7.10 24.78
N GLU A 189 10.71 -6.66 23.64
CA GLU A 189 11.41 -6.86 22.37
C GLU A 189 12.74 -6.12 22.37
N ARG A 190 12.75 -4.87 22.88
CA ARG A 190 14.00 -4.12 22.97
C ARG A 190 15.02 -4.83 23.84
N GLU A 191 14.58 -5.40 24.96
CA GLU A 191 15.51 -6.06 25.88
C GLU A 191 16.11 -7.29 25.23
N GLN A 192 15.27 -8.13 24.63
CA GLN A 192 15.78 -9.28 23.88
C GLN A 192 16.74 -8.84 22.78
N ALA A 193 16.43 -7.73 22.11
CA ALA A 193 17.33 -7.24 21.07
C ALA A 193 18.65 -6.77 21.67
N ASN A 194 18.60 -6.20 22.88
CA ASN A 194 19.82 -5.74 23.53
C ASN A 194 20.70 -6.92 23.90
N VAL A 195 20.12 -8.01 24.39
CA VAL A 195 20.95 -9.17 24.70
C VAL A 195 21.47 -9.82 23.42
N ALA A 196 20.69 -9.78 22.34
CA ALA A 196 21.15 -10.39 21.09
C ALA A 196 22.29 -9.60 20.46
N ARG A 197 22.26 -8.28 20.63
CA ARG A 197 23.23 -7.37 20.04
C ARG A 197 24.59 -7.52 20.71
N ALA B 5 -12.07 7.21 17.11
CA ALA B 5 -13.24 6.33 17.13
C ALA B 5 -14.22 6.67 16.02
N ALA B 6 -14.67 5.64 15.32
CA ALA B 6 -15.48 5.82 14.12
C ALA B 6 -16.48 4.68 14.00
N LYS B 7 -17.41 4.60 14.96
CA LYS B 7 -18.30 3.44 15.02
C LYS B 7 -19.23 3.31 13.82
N PRO B 8 -19.69 4.36 13.16
CA PRO B 8 -20.48 4.13 11.93
C PRO B 8 -19.70 3.40 10.85
N ALA B 9 -18.42 3.76 10.66
CA ALA B 9 -17.60 3.01 9.71
C ALA B 9 -17.38 1.58 10.17
N LEU B 10 -17.12 1.38 11.47
CA LEU B 10 -16.91 0.02 11.95
C LEU B 10 -18.21 -0.79 11.89
N ASP B 11 -19.35 -0.15 12.16
CA ASP B 11 -20.62 -0.85 12.06
C ASP B 11 -20.86 -1.35 10.64
N ALA B 12 -20.56 -0.51 9.64
CA ALA B 12 -20.76 -0.92 8.25
C ALA B 12 -19.78 -2.03 7.87
N ALA B 13 -18.55 -1.97 8.38
CA ALA B 13 -17.61 -3.05 8.09
C ALA B 13 -18.11 -4.38 8.62
N LEU B 14 -18.70 -4.39 9.82
CA LEU B 14 -19.14 -5.66 10.39
C LEU B 14 -20.39 -6.17 9.67
N GLU B 15 -21.32 -5.28 9.33
CA GLU B 15 -22.47 -5.68 8.52
C GLU B 15 -22.02 -6.33 7.21
N ALA B 16 -20.98 -5.75 6.59
CA ALA B 16 -20.46 -6.31 5.34
C ALA B 16 -20.01 -7.75 5.52
N LEU B 17 -19.18 -8.01 6.53
CA LEU B 17 -18.69 -9.38 6.72
C LEU B 17 -19.80 -10.32 7.16
N ASN B 18 -20.76 -9.84 7.94
CA ASN B 18 -21.84 -10.72 8.39
C ASN B 18 -22.78 -11.08 7.26
N SER B 19 -22.77 -10.33 6.15
CA SER B 19 -23.60 -10.64 5.01
C SER B 19 -23.05 -11.79 4.17
N ILE B 20 -21.84 -12.28 4.46
CA ILE B 20 -21.16 -13.28 3.64
C ILE B 20 -21.17 -14.61 4.38
N LYS B 21 -21.65 -15.65 3.70
CA LYS B 21 -21.72 -17.00 4.27
C LYS B 21 -20.61 -17.87 3.70
N ASP B 22 -20.28 -18.94 4.44
CA ASP B 22 -19.27 -19.87 3.96
C ASP B 22 -19.67 -20.49 2.63
N GLY B 23 -20.98 -20.71 2.43
CA GLY B 23 -21.44 -21.23 1.15
C GLY B 23 -21.24 -20.28 -0.01
N ASP B 24 -21.22 -18.97 0.26
CA ASP B 24 -20.90 -18.01 -0.78
C ASP B 24 -19.47 -18.19 -1.26
N ILE B 25 -18.54 -18.37 -0.32
CA ILE B 25 -17.15 -18.58 -0.72
C ILE B 25 -17.03 -19.90 -1.47
N LYS B 26 -17.68 -20.96 -0.97
CA LYS B 26 -17.68 -22.23 -1.69
C LYS B 26 -18.18 -22.06 -3.13
N ASN B 27 -19.31 -21.38 -3.31
CA ASN B 27 -19.88 -21.26 -4.65
C ASN B 27 -18.98 -20.42 -5.55
N LEU B 28 -18.35 -19.39 -5.00
CA LEU B 28 -17.42 -18.59 -5.79
C LEU B 28 -16.26 -19.45 -6.28
N LYS B 29 -15.75 -20.35 -5.43
CA LYS B 29 -14.72 -21.28 -5.89
C LYS B 29 -15.21 -22.13 -7.05
N ALA B 30 -16.50 -22.48 -7.07
CA ALA B 30 -17.06 -23.34 -8.09
C ALA B 30 -17.14 -22.67 -9.46
N LEU B 31 -16.98 -21.36 -9.54
CA LEU B 31 -16.97 -20.68 -10.83
C LEU B 31 -15.67 -20.96 -11.56
N LYS B 32 -15.77 -21.30 -12.85
CA LYS B 32 -14.55 -21.43 -13.63
C LYS B 32 -13.91 -20.06 -13.88
N LYS B 33 -14.73 -19.02 -14.08
CA LYS B 33 -14.20 -17.67 -14.25
C LYS B 33 -15.08 -16.69 -13.47
N PRO B 34 -14.48 -15.85 -12.63
CA PRO B 34 -15.27 -14.87 -11.88
C PRO B 34 -15.55 -13.65 -12.72
N PRO B 35 -16.63 -12.91 -12.43
CA PRO B 35 -16.80 -11.60 -13.04
C PRO B 35 -15.61 -10.71 -12.71
N GLN B 36 -15.20 -9.90 -13.69
CA GLN B 36 -13.99 -9.09 -13.52
C GLN B 36 -14.04 -8.22 -12.26
N ILE B 37 -15.19 -7.60 -11.96
CA ILE B 37 -15.23 -6.67 -10.83
C ILE B 37 -14.91 -7.37 -9.51
N ILE B 38 -15.28 -8.64 -9.37
CA ILE B 38 -14.99 -9.33 -8.11
C ILE B 38 -13.48 -9.50 -7.91
N THR B 39 -12.69 -9.57 -9.01
CA THR B 39 -11.26 -9.66 -8.81
C THR B 39 -10.69 -8.37 -8.24
N ARG B 40 -11.33 -7.23 -8.54
CA ARG B 40 -10.90 -5.95 -8.00
C ARG B 40 -11.34 -5.79 -6.54
N ILE B 41 -12.55 -6.27 -6.22
CA ILE B 41 -12.99 -6.35 -4.84
C ILE B 41 -11.97 -7.09 -3.98
N PHE B 42 -11.55 -8.26 -4.44
CA PHE B 42 -10.60 -9.02 -3.64
C PHE B 42 -9.23 -8.35 -3.61
N ASP B 43 -8.82 -7.66 -4.69
CA ASP B 43 -7.58 -6.87 -4.63
C ASP B 43 -7.60 -5.90 -3.47
N CYS B 44 -8.74 -5.27 -3.19
CA CYS B 44 -8.83 -4.35 -2.06
C CYS B 44 -8.56 -5.07 -0.75
N VAL B 45 -9.06 -6.30 -0.62
CA VAL B 45 -8.75 -7.10 0.55
C VAL B 45 -7.26 -7.43 0.60
N LEU B 46 -6.67 -7.79 -0.55
CA LEU B 46 -5.25 -8.11 -0.57
C LEU B 46 -4.41 -6.91 -0.12
N VAL B 47 -4.75 -5.71 -0.60
CA VAL B 47 -4.00 -4.51 -0.23
C VAL B 47 -4.09 -4.24 1.27
N LEU B 48 -5.30 -4.30 1.83
CA LEU B 48 -5.43 -4.11 3.27
C LEU B 48 -4.66 -5.14 4.06
N ARG B 49 -4.54 -6.38 3.55
CA ARG B 49 -3.79 -7.42 4.27
C ARG B 49 -2.31 -7.47 3.90
N MET B 50 -1.87 -6.54 3.04
CA MET B 50 -0.49 -6.48 2.59
C MET B 50 -0.05 -7.76 1.90
N LEU B 51 -0.95 -8.34 1.13
CA LEU B 51 -0.68 -9.50 0.31
C LEU B 51 -0.41 -9.06 -1.11
N PRO B 52 0.14 -9.94 -1.94
CA PRO B 52 0.58 -9.53 -3.28
C PRO B 52 -0.56 -9.06 -4.19
N VAL B 53 -0.33 -7.94 -4.88
CA VAL B 53 -1.14 -7.53 -6.03
C VAL B 53 -0.18 -7.27 -7.18
N THR B 54 -0.72 -7.34 -8.40
CA THR B 54 0.17 -7.22 -9.54
C THR B 54 0.40 -5.74 -9.87
N LYS B 55 1.26 -5.47 -10.85
CA LYS B 55 1.51 -4.10 -11.25
C LYS B 55 0.23 -3.40 -11.70
N ALA B 56 0.25 -2.07 -11.65
CA ALA B 56 -0.86 -1.30 -12.20
C ALA B 56 -1.00 -1.63 -13.68
N GLU B 57 -2.22 -1.96 -14.10
CA GLU B 57 -2.44 -2.52 -15.43
C GLU B 57 -3.94 -2.56 -15.66
N TYR B 58 -4.39 -2.24 -16.87
CA TYR B 58 -5.81 -2.00 -17.06
C TYR B 58 -6.36 -2.82 -18.22
N THR B 59 -7.63 -3.17 -18.10
CA THR B 59 -8.33 -3.92 -19.14
C THR B 59 -9.69 -3.27 -19.37
N ASP B 60 -10.19 -3.41 -20.59
CA ASP B 60 -11.49 -2.82 -20.93
C ASP B 60 -12.60 -3.70 -20.38
N GLU B 61 -13.40 -3.14 -19.48
CA GLU B 61 -14.52 -3.86 -18.88
C GLU B 61 -15.78 -3.03 -19.10
N LYS B 62 -16.63 -3.47 -20.03
CA LYS B 62 -17.88 -2.78 -20.35
C LYS B 62 -17.62 -1.31 -20.70
N GLY B 63 -16.57 -1.07 -21.49
CA GLY B 63 -16.27 0.25 -22.01
C GLY B 63 -15.46 1.16 -21.12
N ARG B 64 -14.97 0.67 -19.97
CA ARG B 64 -14.14 1.48 -19.11
C ARG B 64 -12.88 0.70 -18.77
N MET B 65 -11.79 1.43 -18.60
CA MET B 65 -10.51 0.80 -18.25
C MET B 65 -10.44 0.60 -16.73
N VAL B 66 -10.21 -0.64 -16.29
CA VAL B 66 -10.21 -0.98 -14.87
C VAL B 66 -9.02 -1.88 -14.58
N GLN B 67 -8.61 -1.89 -13.32
CA GLN B 67 -7.44 -2.66 -12.90
C GLN B 67 -7.66 -4.16 -13.04
N VAL B 68 -6.63 -4.85 -13.55
CA VAL B 68 -6.60 -6.31 -13.61
C VAL B 68 -6.36 -6.86 -12.22
N GLY B 69 -7.32 -7.63 -11.70
CA GLY B 69 -7.20 -8.15 -10.35
C GLY B 69 -6.24 -9.34 -10.25
N ASN B 70 -5.67 -9.51 -9.06
CA ASN B 70 -4.74 -10.61 -8.83
C ASN B 70 -5.49 -11.81 -8.25
N TYR B 71 -6.40 -12.34 -9.08
CA TYR B 71 -7.30 -13.39 -8.59
C TYR B 71 -6.61 -14.63 -8.05
N PRO B 72 -5.48 -15.10 -8.60
CA PRO B 72 -4.84 -16.28 -7.99
C PRO B 72 -4.51 -16.09 -6.52
N GLU B 73 -4.08 -14.88 -6.14
CA GLU B 73 -3.80 -14.60 -4.73
CA GLU B 73 -3.79 -14.65 -4.72
C GLU B 73 -5.09 -14.56 -3.91
N ALA B 74 -6.17 -14.07 -4.52
CA ALA B 74 -7.48 -14.11 -3.87
C ALA B 74 -7.93 -15.55 -3.62
N GLN B 75 -7.71 -16.44 -4.60
CA GLN B 75 -8.05 -17.84 -4.41
C GLN B 75 -7.23 -18.45 -3.27
N LYS B 76 -5.94 -18.13 -3.20
CA LYS B 76 -5.13 -18.64 -2.10
C LYS B 76 -5.70 -18.19 -0.77
N MET B 77 -6.16 -16.94 -0.69
CA MET B 77 -6.75 -16.44 0.54
C MET B 77 -8.03 -17.20 0.88
N MET B 78 -8.89 -17.40 -0.12
CA MET B 78 -10.15 -18.11 0.06
CA MET B 78 -10.15 -18.10 0.07
C MET B 78 -9.96 -19.59 0.38
N ASN B 79 -8.81 -20.16 0.03
CA ASN B 79 -8.58 -21.57 0.32
C ASN B 79 -8.17 -21.79 1.76
N GLN B 80 -8.03 -20.74 2.55
CA GLN B 80 -7.81 -20.87 3.98
C GLN B 80 -9.17 -20.89 4.66
N MET B 81 -9.41 -21.95 5.45
CA MET B 81 -10.73 -22.14 6.04
C MET B 81 -11.07 -21.02 7.02
N SER B 82 -10.07 -20.29 7.49
CA SER B 82 -10.22 -19.20 8.45
C SER B 82 -10.49 -17.84 7.79
N PHE B 83 -10.66 -17.80 6.46
CA PHE B 83 -10.68 -16.54 5.71
C PHE B 83 -11.64 -15.51 6.30
N LEU B 84 -12.92 -15.87 6.46
CA LEU B 84 -13.89 -14.88 6.92
C LEU B 84 -13.60 -14.41 8.34
N GLN B 85 -13.21 -15.33 9.22
CA GLN B 85 -12.85 -14.92 10.58
C GLN B 85 -11.59 -14.06 10.58
N ASP B 86 -10.65 -14.35 9.68
CA ASP B 86 -9.46 -13.51 9.56
C ASP B 86 -9.85 -12.06 9.26
N LEU B 87 -10.84 -11.85 8.39
CA LEU B 87 -11.30 -10.49 8.13
C LEU B 87 -12.01 -9.90 9.35
N LYS B 88 -12.77 -10.71 10.08
CA LYS B 88 -13.37 -10.21 11.32
C LYS B 88 -12.30 -9.82 12.32
N ASP B 89 -11.19 -10.55 12.36
CA ASP B 89 -10.13 -10.28 13.31
C ASP B 89 -9.21 -9.13 12.89
N PHE B 90 -9.42 -8.57 11.69
CA PHE B 90 -8.47 -7.63 11.11
C PHE B 90 -8.20 -6.46 12.06
N ALA B 91 -6.91 -6.15 12.23
CA ALA B 91 -6.45 -5.12 13.16
C ALA B 91 -6.55 -3.76 12.47
N LYS B 92 -7.71 -3.12 12.64
CA LYS B 92 -7.99 -1.87 11.93
C LYS B 92 -7.06 -0.76 12.38
N GLU B 93 -6.60 -0.78 13.63
N GLU B 93 -6.59 -0.81 13.62
CA GLU B 93 -5.77 0.33 14.10
CA GLU B 93 -5.77 0.25 14.17
C GLU B 93 -4.40 0.34 13.46
C GLU B 93 -4.37 0.28 13.58
N GLN B 94 -4.01 -0.73 12.78
CA GLN B 94 -2.70 -0.82 12.18
C GLN B 94 -2.68 -0.40 10.71
N ILE B 95 -3.84 -0.09 10.11
CA ILE B 95 -3.86 0.48 8.77
C ILE B 95 -3.00 1.74 8.75
N ASN B 96 -2.15 1.89 7.73
CA ASN B 96 -1.38 3.13 7.58
C ASN B 96 -1.87 3.95 6.40
N ASP B 97 -1.30 5.17 6.27
CA ASP B 97 -1.79 6.10 5.26
C ASP B 97 -1.48 5.62 3.85
N GLU B 98 -0.39 4.88 3.66
CA GLU B 98 -0.06 4.42 2.32
C GLU B 98 -1.08 3.41 1.84
N THR B 99 -1.46 2.48 2.71
CA THR B 99 -2.46 1.48 2.36
C THR B 99 -3.76 2.13 1.88
N VAL B 100 -4.22 3.18 2.57
CA VAL B 100 -5.43 3.87 2.11
C VAL B 100 -5.22 4.47 0.72
N GLU B 101 -4.07 5.10 0.49
CA GLU B 101 -3.81 5.66 -0.82
C GLU B 101 -3.76 4.59 -1.91
N LEU B 102 -3.29 3.38 -1.58
CA LEU B 102 -3.28 2.31 -2.57
C LEU B 102 -4.69 1.76 -2.85
N LEU B 103 -5.65 1.97 -1.95
CA LEU B 103 -7.03 1.57 -2.24
C LEU B 103 -7.72 2.55 -3.17
N GLU B 104 -7.34 3.82 -3.10
CA GLU B 104 -8.13 4.86 -3.78
C GLU B 104 -8.30 4.63 -5.27
N PRO B 105 -7.29 4.18 -6.03
CA PRO B 105 -7.53 3.94 -7.47
C PRO B 105 -8.69 2.98 -7.75
N TYR B 106 -8.92 1.97 -6.91
CA TYR B 106 -10.07 1.10 -7.13
C TYR B 106 -11.37 1.86 -6.94
N PHE B 107 -11.45 2.67 -5.87
CA PHE B 107 -12.63 3.48 -5.62
C PHE B 107 -12.82 4.59 -6.64
N MET B 108 -11.80 4.89 -7.47
CA MET B 108 -11.91 5.91 -8.51
C MET B 108 -12.77 5.49 -9.69
N SER B 109 -12.94 4.18 -9.91
CA SER B 109 -13.61 3.71 -11.11
C SER B 109 -15.11 3.90 -10.98
N GLU B 110 -15.74 4.42 -12.05
CA GLU B 110 -17.16 4.72 -11.99
C GLU B 110 -18.01 3.48 -11.70
N ASP B 111 -17.48 2.29 -11.98
CA ASP B 111 -18.27 1.08 -11.85
C ASP B 111 -18.01 0.34 -10.54
N PHE B 112 -17.14 0.87 -9.69
CA PHE B 112 -16.74 0.17 -8.47
C PHE B 112 -17.71 0.55 -7.36
N THR B 113 -18.86 -0.14 -7.34
CA THR B 113 -19.94 0.13 -6.41
C THR B 113 -20.49 -1.19 -5.90
N PHE B 114 -21.06 -1.16 -4.71
CA PHE B 114 -21.71 -2.36 -4.18
C PHE B 114 -22.81 -2.85 -5.10
N GLU B 115 -23.63 -1.93 -5.62
CA GLU B 115 -24.75 -2.33 -6.48
C GLU B 115 -24.23 -3.10 -7.69
N ASN B 116 -23.21 -2.57 -8.36
CA ASN B 116 -22.68 -3.23 -9.55
CA ASN B 116 -22.68 -3.23 -9.55
C ASN B 116 -22.02 -4.55 -9.18
N ALA B 117 -21.20 -4.55 -8.13
CA ALA B 117 -20.53 -5.80 -7.74
C ALA B 117 -21.53 -6.84 -7.27
N GLN B 118 -22.58 -6.41 -6.56
CA GLN B 118 -23.57 -7.37 -6.09
C GLN B 118 -24.33 -7.97 -7.25
N LYS B 119 -24.68 -7.16 -8.25
CA LYS B 119 -25.37 -7.71 -9.42
C LYS B 119 -24.54 -8.81 -10.08
N ALA B 120 -23.21 -8.66 -10.08
CA ALA B 120 -22.35 -9.65 -10.70
C ALA B 120 -22.20 -10.92 -9.86
N SER B 121 -22.03 -10.80 -8.53
CA SER B 121 -21.59 -11.96 -7.78
C SER B 121 -22.30 -12.23 -6.47
N GLY B 122 -23.30 -11.43 -6.08
CA GLY B 122 -24.06 -11.75 -4.89
C GLY B 122 -23.38 -11.26 -3.62
N ASN B 123 -23.53 -12.03 -2.55
CA ASN B 123 -23.19 -11.55 -1.21
C ASN B 123 -21.71 -11.21 -1.07
N VAL B 124 -20.83 -11.89 -1.80
CA VAL B 124 -19.41 -11.60 -1.63
CA VAL B 124 -19.39 -11.62 -1.69
C VAL B 124 -19.09 -10.16 -2.01
N ALA B 125 -19.98 -9.49 -2.74
CA ALA B 125 -19.80 -8.07 -3.03
C ALA B 125 -19.73 -7.22 -1.75
N GLY B 126 -20.17 -7.75 -0.61
CA GLY B 126 -20.00 -7.05 0.65
C GLY B 126 -18.56 -6.68 0.95
N LEU B 127 -17.59 -7.39 0.35
CA LEU B 127 -16.20 -7.05 0.62
C LEU B 127 -15.87 -5.64 0.14
N CYS B 128 -16.59 -5.12 -0.86
CA CYS B 128 -16.40 -3.75 -1.29
CA CYS B 128 -16.35 -3.74 -1.27
C CYS B 128 -16.73 -2.77 -0.17
N ASN B 129 -17.87 -3.00 0.49
CA ASN B 129 -18.23 -2.17 1.63
C ASN B 129 -17.25 -2.35 2.79
N TRP B 130 -16.78 -3.59 2.99
CA TRP B 130 -15.79 -3.81 4.06
C TRP B 130 -14.54 -2.98 3.81
N ALA B 131 -13.99 -3.05 2.59
CA ALA B 131 -12.77 -2.32 2.28
C ALA B 131 -12.98 -0.81 2.38
N GLU B 132 -14.09 -0.30 1.82
CA GLU B 132 -14.33 1.14 1.90
C GLU B 132 -14.52 1.59 3.35
N SER B 133 -15.15 0.75 4.16
CA SER B 133 -15.37 1.12 5.56
CA SER B 133 -15.38 1.11 5.57
C SER B 133 -14.06 1.15 6.34
N MET B 134 -13.13 0.23 6.04
CA MET B 134 -11.84 0.26 6.72
C MET B 134 -11.09 1.54 6.38
N ALA B 135 -11.12 1.93 5.11
CA ALA B 135 -10.47 3.17 4.71
C ALA B 135 -11.13 4.37 5.38
N LYS B 136 -12.46 4.38 5.43
CA LYS B 136 -13.18 5.45 6.11
C LYS B 136 -12.84 5.48 7.59
N TYR B 137 -12.77 4.29 8.23
CA TYR B 137 -12.37 4.24 9.63
C TYR B 137 -11.01 4.90 9.84
N HIS B 138 -10.03 4.53 9.02
CA HIS B 138 -8.69 5.05 9.20
C HIS B 138 -8.67 6.58 9.03
N ASN B 139 -9.36 7.09 8.02
CA ASN B 139 -9.33 8.52 7.77
C ASN B 139 -10.03 9.30 8.88
N VAL B 140 -11.07 8.71 9.47
CA VAL B 140 -11.77 9.39 10.57
C VAL B 140 -10.94 9.32 11.85
N ALA B 141 -10.37 8.15 12.15
CA ALA B 141 -9.74 7.92 13.45
C ALA B 141 -8.49 8.77 13.68
N LYS B 142 -8.02 9.50 12.68
CA LYS B 142 -6.83 10.33 12.85
C LYS B 142 -7.16 11.82 12.76
#